data_1DR6
#
_entry.id   1DR6
#
_cell.length_a   88.720
_cell.length_b   48.740
_cell.length_c   63.870
_cell.angle_alpha   90.00
_cell.angle_beta   124.70
_cell.angle_gamma   90.00
#
_symmetry.space_group_name_H-M   'C 1 2 1'
#
loop_
_entity.id
_entity.type
_entity.pdbx_description
1 polymer 'DIHYDROFOLATE REDUCTASE'
2 non-polymer 'CALCIUM ION'
3 non-polymer 'NADP NICOTINAMIDE-ADENINE-DINUCLEOTIDE PHOSPHATE'
4 non-polymer 7,8-DIHYDROBIOPTERIN
5 non-polymer 'MERCURIBENZOIC ACID'
6 water water
#
_entity_poly.entity_id   1
_entity_poly.type   'polypeptide(L)'
_entity_poly.pdbx_seq_one_letter_code
;VRSLNSIVAVCQNMGIGKDGNLPWPPLRNEYKYFQRMTSTSHVEGKQNAVIMGKKTWFSIPEKNRPLKDRINIVLSRELK
EAPKGAHYLSKSLDDALALLDSPELKSKVDMVWIVGGTAVYKAAMEKPINHRLFVTRILHEFESDTFFPEIDYKDFKLLT
EYPGVPADIQEEDGIQYKFEVYQKSVLAQ
;
_entity_poly.pdbx_strand_id   A
#
loop_
_chem_comp.id
_chem_comp.type
_chem_comp.name
_chem_comp.formula
CA non-polymer 'CALCIUM ION' 'Ca 2'
HBI non-polymer 7,8-DIHYDROBIOPTERIN 'C9 H13 N5 O3'
MBO non-polymer 'MERCURIBENZOIC ACID' 'C7 H5 Hg O2'
NAP non-polymer 'NADP NICOTINAMIDE-ADENINE-DINUCLEOTIDE PHOSPHATE' 'C21 H28 N7 O17 P3'
#
# COMPACT_ATOMS: atom_id res chain seq x y z
N VAL A 1 5.63 -4.76 -14.30
CA VAL A 1 6.89 -4.25 -13.70
C VAL A 1 7.69 -5.42 -13.14
N ARG A 2 8.88 -5.16 -12.63
CA ARG A 2 9.76 -6.21 -12.11
C ARG A 2 9.15 -6.94 -10.91
N SER A 3 8.53 -6.15 -10.05
CA SER A 3 7.95 -6.80 -8.84
C SER A 3 7.11 -5.71 -8.17
N LEU A 4 6.11 -6.16 -7.46
CA LEU A 4 5.21 -5.19 -6.79
C LEU A 4 5.49 -5.30 -5.28
N ASN A 5 5.02 -4.28 -4.60
CA ASN A 5 5.06 -4.25 -3.13
C ASN A 5 3.66 -3.71 -2.76
N SER A 6 3.14 -4.25 -1.73
CA SER A 6 1.88 -3.87 -1.11
C SER A 6 2.10 -3.64 0.36
N ILE A 7 1.39 -2.66 0.92
CA ILE A 7 1.48 -2.39 2.35
C ILE A 7 0.04 -2.13 2.83
N VAL A 8 -0.24 -2.66 4.01
CA VAL A 8 -1.52 -2.58 4.64
C VAL A 8 -1.33 -2.72 6.15
N ALA A 9 -2.27 -2.17 6.87
CA ALA A 9 -2.40 -2.36 8.33
C ALA A 9 -3.77 -3.03 8.52
N VAL A 10 -3.85 -4.17 9.17
CA VAL A 10 -5.07 -4.91 9.37
C VAL A 10 -5.35 -5.21 10.84
N CYS A 11 -6.64 -5.13 11.14
CA CYS A 11 -7.01 -5.51 12.56
C CYS A 11 -7.34 -6.98 12.54
N GLN A 12 -7.77 -7.49 13.65
CA GLN A 12 -8.03 -8.92 13.79
C GLN A 12 -8.97 -9.51 12.81
N ASN A 13 -9.99 -8.81 12.34
CA ASN A 13 -10.91 -9.53 11.38
C ASN A 13 -10.44 -9.31 9.98
N MET A 14 -9.24 -8.74 9.86
CA MET A 14 -8.65 -8.35 8.57
C MET A 14 -9.31 -7.05 8.09
N GLY A 15 -9.94 -6.30 9.00
CA GLY A 15 -10.52 -5.00 8.58
C GLY A 15 -9.34 -3.99 8.40
N ILE A 16 -9.50 -3.09 7.48
CA ILE A 16 -8.66 -2.02 7.06
C ILE A 16 -9.31 -0.63 7.04
N GLY A 17 -10.63 -0.59 7.20
CA GLY A 17 -11.35 0.68 7.15
C GLY A 17 -12.73 0.64 7.72
N LYS A 18 -13.20 1.87 7.99
CA LYS A 18 -14.55 2.09 8.49
C LYS A 18 -14.99 3.53 8.22
N ASP A 19 -16.17 3.70 7.66
CA ASP A 19 -16.70 5.06 7.40
C ASP A 19 -15.73 5.90 6.59
N GLY A 20 -15.02 5.25 5.69
CA GLY A 20 -14.06 5.98 4.85
C GLY A 20 -12.78 6.33 5.53
N ASN A 21 -12.53 5.87 6.75
CA ASN A 21 -11.24 6.17 7.41
C ASN A 21 -10.68 4.87 7.94
N LEU A 22 -9.63 4.93 8.70
CA LEU A 22 -9.06 3.72 9.35
C LEU A 22 -9.94 3.42 10.58
N PRO A 23 -9.94 2.16 10.97
CA PRO A 23 -10.74 1.72 12.07
C PRO A 23 -10.21 2.17 13.42
N TRP A 24 -8.96 2.47 13.59
CA TRP A 24 -8.42 2.85 14.92
C TRP A 24 -8.02 4.31 14.88
N PRO A 25 -7.87 4.92 16.06
CA PRO A 25 -7.37 6.31 16.11
C PRO A 25 -5.94 6.22 15.63
N PRO A 26 -5.27 7.36 15.54
CA PRO A 26 -3.95 7.42 14.94
C PRO A 26 -2.87 6.78 15.76
N LEU A 27 -2.00 6.08 15.10
CA LEU A 27 -0.83 5.39 15.60
C LEU A 27 0.38 6.01 14.80
N ARG A 28 0.95 7.02 15.41
CA ARG A 28 2.03 7.84 14.89
C ARG A 28 3.12 7.00 14.33
N ASN A 29 3.60 6.04 15.08
CA ASN A 29 4.67 5.14 14.66
C ASN A 29 4.31 4.21 13.54
N GLU A 30 3.12 3.61 13.63
CA GLU A 30 2.75 2.64 12.55
C GLU A 30 2.76 3.44 11.25
N TYR A 31 2.22 4.65 11.38
CA TYR A 31 2.14 5.58 10.27
C TYR A 31 3.49 6.03 9.80
N LYS A 32 4.37 6.48 10.69
CA LYS A 32 5.72 6.82 10.18
C LYS A 32 6.24 5.57 9.47
N TYR A 33 5.77 4.36 9.86
CA TYR A 33 6.41 3.17 9.18
C TYR A 33 5.97 3.10 7.74
N PHE A 34 4.67 3.36 7.56
CA PHE A 34 4.08 3.35 6.19
C PHE A 34 4.73 4.44 5.36
N GLN A 35 5.03 5.59 5.96
CA GLN A 35 5.71 6.71 5.27
C GLN A 35 7.11 6.32 4.86
N ARG A 36 7.86 5.94 5.89
CA ARG A 36 9.25 5.50 5.69
C ARG A 36 9.31 4.44 4.62
N MET A 37 8.44 3.44 4.62
CA MET A 37 8.60 2.37 3.59
C MET A 37 8.21 2.81 2.22
N THR A 38 7.08 3.52 2.11
CA THR A 38 6.61 3.89 0.78
C THR A 38 7.48 4.99 0.21
N SER A 39 8.11 5.77 1.07
CA SER A 39 8.89 6.95 0.60
C SER A 39 10.30 6.67 0.14
N THR A 40 10.97 5.70 0.73
CA THR A 40 12.34 5.35 0.49
C THR A 40 12.70 4.53 -0.70
N SER A 41 13.33 5.19 -1.63
CA SER A 41 13.90 4.63 -2.87
C SER A 41 15.40 4.35 -2.59
N HIS A 42 15.96 3.39 -3.27
CA HIS A 42 17.38 3.03 -3.07
C HIS A 42 18.21 3.44 -4.26
N VAL A 43 17.90 4.60 -4.80
CA VAL A 43 18.60 5.09 -6.01
C VAL A 43 18.40 6.59 -6.17
N GLU A 44 19.47 7.36 -5.97
CA GLU A 44 19.29 8.85 -6.05
C GLU A 44 18.71 9.15 -7.41
N GLY A 45 17.87 10.15 -7.49
CA GLY A 45 17.21 10.53 -8.75
C GLY A 45 15.86 9.89 -8.95
N LYS A 46 15.47 8.92 -8.12
CA LYS A 46 14.15 8.31 -8.24
C LYS A 46 13.28 8.53 -7.01
N GLN A 47 12.03 8.31 -7.29
CA GLN A 47 10.95 8.47 -6.26
C GLN A 47 10.18 7.16 -6.41
N ASN A 48 9.47 6.76 -5.39
CA ASN A 48 8.64 5.49 -5.58
C ASN A 48 7.28 5.94 -6.14
N ALA A 49 6.53 5.00 -6.61
CA ALA A 49 5.15 5.25 -7.08
C ALA A 49 4.20 4.50 -6.10
N VAL A 50 3.12 5.16 -5.77
CA VAL A 50 2.07 4.64 -4.92
C VAL A 50 0.79 4.62 -5.81
N ILE A 51 0.19 3.48 -5.84
CA ILE A 51 -1.02 3.24 -6.60
C ILE A 51 -2.16 3.00 -5.60
N MET A 52 -3.24 3.74 -5.79
CA MET A 52 -4.39 3.59 -4.82
C MET A 52 -5.70 3.87 -5.54
N GLY A 53 -6.79 3.42 -4.97
CA GLY A 53 -8.14 3.57 -5.53
C GLY A 53 -8.77 4.91 -5.11
N LYS A 54 -9.85 5.26 -5.76
CA LYS A 54 -10.55 6.54 -5.63
C LYS A 54 -10.77 6.95 -4.18
N LYS A 55 -11.43 6.04 -3.47
CA LYS A 55 -11.76 6.22 -2.07
C LYS A 55 -10.56 6.44 -1.18
N THR A 56 -9.52 5.61 -1.36
CA THR A 56 -8.35 5.80 -0.54
C THR A 56 -7.70 7.19 -0.74
N TRP A 57 -7.83 7.73 -1.92
CA TRP A 57 -7.23 9.03 -2.28
C TRP A 57 -7.99 10.13 -1.53
N PHE A 58 -9.30 10.07 -1.60
CA PHE A 58 -10.11 11.09 -0.90
C PHE A 58 -10.07 10.98 0.61
N SER A 59 -9.59 9.85 1.13
CA SER A 59 -9.53 9.63 2.58
C SER A 59 -8.39 10.48 3.18
N ILE A 60 -7.48 10.83 2.29
CA ILE A 60 -6.29 11.62 2.69
C ILE A 60 -6.76 13.08 2.79
N PRO A 61 -6.48 13.66 3.91
CA PRO A 61 -6.82 15.12 4.10
C PRO A 61 -6.26 15.87 2.89
N GLU A 62 -7.10 16.70 2.30
CA GLU A 62 -6.84 17.45 1.10
C GLU A 62 -5.60 18.28 1.08
N LYS A 63 -5.29 18.87 2.21
CA LYS A 63 -4.04 19.72 2.23
C LYS A 63 -2.87 18.80 2.28
N ASN A 64 -3.07 17.54 2.60
CA ASN A 64 -1.98 16.56 2.74
C ASN A 64 -1.80 15.78 1.42
N ARG A 65 -2.39 16.21 0.36
CA ARG A 65 -2.35 15.43 -0.94
C ARG A 65 -1.54 16.22 -1.94
N PRO A 66 -0.78 15.58 -2.78
CA PRO A 66 -0.54 14.13 -2.84
C PRO A 66 0.56 13.74 -1.86
N LEU A 67 0.61 12.46 -1.52
CA LEU A 67 1.65 11.98 -0.57
C LEU A 67 2.99 12.50 -1.09
N LYS A 68 3.62 13.31 -0.30
CA LYS A 68 4.89 13.98 -0.59
C LYS A 68 6.00 13.03 -0.96
N ASP A 69 6.74 13.31 -2.00
CA ASP A 69 7.86 12.55 -2.45
C ASP A 69 7.62 11.20 -3.09
N ARG A 70 6.43 10.93 -3.48
CA ARG A 70 6.09 9.66 -4.23
C ARG A 70 5.20 10.16 -5.37
N ILE A 71 5.18 9.43 -6.43
CA ILE A 71 4.29 9.71 -7.59
C ILE A 71 2.96 9.00 -7.23
N ASN A 72 1.91 9.77 -7.09
CA ASN A 72 0.56 9.38 -6.80
C ASN A 72 -0.25 9.00 -8.04
N ILE A 73 -0.66 7.73 -8.08
CA ILE A 73 -1.53 7.26 -9.17
C ILE A 73 -2.82 6.77 -8.54
N VAL A 74 -3.93 7.29 -9.05
CA VAL A 74 -5.26 6.91 -8.63
C VAL A 74 -5.88 6.04 -9.77
N LEU A 75 -6.62 5.06 -9.31
CA LEU A 75 -7.34 4.17 -10.20
C LEU A 75 -8.83 4.53 -10.03
N SER A 76 -9.48 4.59 -11.16
CA SER A 76 -10.93 4.88 -11.19
C SER A 76 -11.37 4.61 -12.64
N ARG A 77 -12.56 4.08 -12.74
CA ARG A 77 -13.25 3.81 -13.99
C ARG A 77 -14.18 5.01 -14.27
N GLU A 78 -14.67 5.66 -13.23
CA GLU A 78 -15.60 6.74 -13.30
C GLU A 78 -14.97 8.10 -13.48
N LEU A 79 -13.69 8.28 -13.30
CA LEU A 79 -13.11 9.64 -13.40
C LEU A 79 -12.54 9.79 -14.82
N LYS A 80 -12.62 11.05 -15.21
CA LYS A 80 -12.18 11.46 -16.55
C LYS A 80 -10.77 12.03 -16.50
N GLU A 81 -10.47 12.57 -15.33
CA GLU A 81 -9.22 13.31 -15.09
C GLU A 81 -8.71 13.06 -13.66
N ALA A 82 -7.42 13.11 -13.50
CA ALA A 82 -6.69 12.92 -12.26
C ALA A 82 -7.17 14.00 -11.26
N PRO A 83 -7.68 13.53 -10.15
CA PRO A 83 -8.21 14.43 -9.12
C PRO A 83 -7.07 15.41 -8.81
N LYS A 84 -7.48 16.57 -8.41
CA LYS A 84 -6.59 17.69 -8.01
C LYS A 84 -5.57 17.16 -7.00
N GLY A 85 -4.32 17.21 -7.41
CA GLY A 85 -3.18 16.74 -6.65
C GLY A 85 -2.55 15.45 -7.12
N ALA A 86 -3.30 14.58 -7.75
CA ALA A 86 -2.79 13.27 -8.20
C ALA A 86 -1.88 13.53 -9.39
N HIS A 87 -0.90 12.68 -9.58
CA HIS A 87 0.01 12.76 -10.69
C HIS A 87 -0.58 12.12 -11.93
N TYR A 88 -1.33 11.03 -11.73
CA TYR A 88 -1.92 10.29 -12.82
C TYR A 88 -3.15 9.51 -12.40
N LEU A 89 -3.96 9.30 -13.41
CA LEU A 89 -5.22 8.55 -13.31
C LEU A 89 -4.99 7.35 -14.26
N SER A 90 -5.56 6.23 -13.83
CA SER A 90 -5.48 5.02 -14.66
C SER A 90 -6.78 4.25 -14.44
N LYS A 91 -7.21 3.62 -15.49
CA LYS A 91 -8.45 2.87 -15.55
C LYS A 91 -8.34 1.51 -14.93
N SER A 92 -7.12 1.01 -14.74
CA SER A 92 -7.01 -0.34 -14.10
C SER A 92 -5.59 -0.53 -13.62
N LEU A 93 -5.36 -1.65 -12.91
CA LEU A 93 -3.97 -1.90 -12.45
C LEU A 93 -3.09 -2.04 -13.68
N ASP A 94 -3.53 -2.96 -14.54
CA ASP A 94 -2.80 -3.20 -15.81
C ASP A 94 -2.37 -1.89 -16.42
N ASP A 95 -3.34 -1.02 -16.65
CA ASP A 95 -3.05 0.31 -17.23
C ASP A 95 -2.01 1.07 -16.43
N ALA A 96 -2.05 0.94 -15.11
CA ALA A 96 -1.12 1.68 -14.21
C ALA A 96 0.24 1.08 -14.43
N LEU A 97 0.21 -0.25 -14.51
CA LEU A 97 1.48 -0.99 -14.71
C LEU A 97 2.16 -0.60 -15.99
N ALA A 98 1.42 -0.47 -17.07
CA ALA A 98 1.97 -0.03 -18.37
C ALA A 98 2.44 1.41 -18.28
N LEU A 99 1.71 2.29 -17.62
CA LEU A 99 2.16 3.71 -17.52
C LEU A 99 3.57 3.73 -16.96
N LEU A 100 3.78 3.00 -15.88
CA LEU A 100 5.03 2.91 -15.15
C LEU A 100 6.23 2.50 -15.99
N ASP A 101 6.03 1.59 -16.92
CA ASP A 101 7.01 1.10 -17.86
C ASP A 101 7.28 2.09 -19.00
N SER A 102 6.37 3.02 -19.25
CA SER A 102 6.56 4.03 -20.28
C SER A 102 7.83 4.81 -19.95
N PRO A 103 8.45 5.35 -20.98
CA PRO A 103 9.72 6.04 -20.95
C PRO A 103 9.90 6.96 -19.75
N GLU A 104 9.11 8.01 -19.77
CA GLU A 104 9.00 9.09 -18.84
C GLU A 104 8.81 8.69 -17.39
N LEU A 105 8.20 7.51 -17.20
CA LEU A 105 7.97 7.03 -15.83
C LEU A 105 9.11 6.11 -15.45
N LYS A 106 9.49 5.26 -16.38
CA LYS A 106 10.49 4.25 -16.16
C LYS A 106 11.75 4.67 -15.47
N SER A 107 12.33 5.75 -15.93
CA SER A 107 13.64 6.20 -15.39
C SER A 107 13.47 7.13 -14.20
N LYS A 108 12.21 7.33 -13.86
CA LYS A 108 11.85 8.27 -12.78
C LYS A 108 11.46 7.47 -11.53
N VAL A 109 11.02 6.25 -11.81
CA VAL A 109 10.44 5.41 -10.79
C VAL A 109 11.32 4.34 -10.24
N ASP A 110 11.36 4.27 -8.92
CA ASP A 110 12.15 3.22 -8.24
C ASP A 110 11.20 2.08 -7.86
N MET A 111 10.54 2.21 -6.70
CA MET A 111 9.65 1.09 -6.28
C MET A 111 8.20 1.41 -6.55
N VAL A 112 7.42 0.35 -6.78
CA VAL A 112 5.97 0.45 -6.94
C VAL A 112 5.27 -0.12 -5.70
N TRP A 113 4.40 0.70 -5.11
CA TRP A 113 3.69 0.25 -3.87
C TRP A 113 2.19 0.34 -4.11
N ILE A 114 1.49 -0.76 -3.84
CA ILE A 114 0.03 -0.75 -3.82
C ILE A 114 -0.39 -0.40 -2.36
N VAL A 115 -1.17 0.58 -2.20
CA VAL A 115 -1.68 1.13 -0.96
C VAL A 115 -3.17 0.98 -0.75
N GLY A 116 -3.83 0.19 -1.61
CA GLY A 116 -5.22 -0.24 -1.41
C GLY A 116 -6.20 0.67 -2.14
N GLY A 117 -7.50 0.50 -1.89
CA GLY A 117 -8.14 -0.40 -0.96
C GLY A 117 -8.28 -1.84 -1.42
N THR A 118 -9.29 -2.54 -0.93
CA THR A 118 -9.53 -3.97 -1.19
C THR A 118 -9.28 -4.42 -2.60
N ALA A 119 -10.00 -3.81 -3.55
CA ALA A 119 -9.96 -4.16 -4.96
C ALA A 119 -8.60 -3.99 -5.59
N VAL A 120 -7.84 -2.99 -5.22
CA VAL A 120 -6.47 -2.83 -5.69
C VAL A 120 -5.52 -3.89 -5.16
N TYR A 121 -5.63 -4.23 -3.89
CA TYR A 121 -4.78 -5.24 -3.28
C TYR A 121 -5.04 -6.57 -4.03
N LYS A 122 -6.31 -6.84 -4.20
CA LYS A 122 -6.69 -8.15 -4.81
C LYS A 122 -6.09 -8.30 -6.16
N ALA A 123 -6.43 -7.33 -7.02
CA ALA A 123 -5.90 -7.31 -8.38
C ALA A 123 -4.39 -7.47 -8.35
N ALA A 124 -3.68 -6.76 -7.48
CA ALA A 124 -2.20 -6.89 -7.45
C ALA A 124 -1.80 -8.28 -6.97
N MET A 125 -2.50 -8.82 -5.97
CA MET A 125 -2.16 -10.14 -5.44
C MET A 125 -2.25 -11.20 -6.54
N GLU A 126 -3.18 -11.06 -7.45
CA GLU A 126 -3.39 -12.00 -8.53
C GLU A 126 -2.41 -11.99 -9.64
N LYS A 127 -1.65 -10.95 -9.84
CA LYS A 127 -0.65 -10.88 -10.94
C LYS A 127 0.42 -11.94 -10.65
N PRO A 128 0.81 -12.63 -11.71
CA PRO A 128 1.87 -13.69 -11.58
C PRO A 128 3.18 -12.88 -11.77
N ILE A 129 3.43 -12.13 -10.70
CA ILE A 129 4.62 -11.29 -10.63
C ILE A 129 5.11 -11.38 -9.17
N ASN A 130 6.38 -11.31 -9.07
CA ASN A 130 7.11 -11.30 -7.79
C ASN A 130 6.48 -10.14 -6.98
N HIS A 131 6.22 -10.46 -5.72
CA HIS A 131 5.48 -9.52 -4.85
C HIS A 131 5.85 -9.78 -3.39
N ARG A 132 6.04 -8.67 -2.68
CA ARG A 132 6.27 -8.59 -1.26
C ARG A 132 5.12 -7.77 -0.62
N LEU A 133 4.58 -8.41 0.38
CA LEU A 133 3.43 -7.93 1.14
C LEU A 133 3.91 -7.61 2.55
N PHE A 134 3.75 -6.33 2.83
CA PHE A 134 4.07 -5.82 4.14
C PHE A 134 2.74 -5.55 4.86
N VAL A 135 2.54 -6.40 5.82
CA VAL A 135 1.36 -6.35 6.67
C VAL A 135 1.70 -5.99 8.12
N THR A 136 0.93 -5.02 8.62
CA THR A 136 0.97 -4.71 10.05
C THR A 136 -0.27 -5.40 10.66
N ARG A 137 -0.06 -6.32 11.55
CA ARG A 137 -1.16 -7.02 12.25
C ARG A 137 -1.41 -6.39 13.60
N ILE A 138 -2.49 -5.65 13.73
CA ILE A 138 -2.88 -4.94 14.98
C ILE A 138 -3.77 -5.90 15.79
N LEU A 139 -3.21 -6.35 16.85
CA LEU A 139 -3.75 -7.34 17.77
C LEU A 139 -4.91 -6.85 18.57
N HIS A 140 -5.90 -6.31 17.91
CA HIS A 140 -7.07 -5.76 18.68
C HIS A 140 -8.21 -5.68 17.70
N GLU A 141 -9.45 -5.59 18.16
CA GLU A 141 -10.57 -5.65 17.18
C GLU A 141 -11.25 -4.27 17.12
N PHE A 142 -11.28 -3.71 15.94
CA PHE A 142 -11.99 -2.42 15.78
C PHE A 142 -13.05 -2.76 14.71
N GLU A 143 -14.23 -2.17 14.89
CA GLU A 143 -15.26 -2.37 13.85
C GLU A 143 -14.72 -1.75 12.55
N SER A 144 -14.89 -2.55 11.53
CA SER A 144 -14.44 -2.29 10.18
C SER A 144 -15.60 -2.66 9.25
N ASP A 145 -15.57 -1.98 8.14
CA ASP A 145 -16.61 -2.18 7.11
C ASP A 145 -15.94 -2.48 5.78
N THR A 146 -14.62 -2.32 5.75
CA THR A 146 -13.83 -2.70 4.49
C THR A 146 -12.81 -3.72 4.96
N PHE A 147 -12.43 -4.65 4.12
CA PHE A 147 -11.53 -5.76 4.51
C PHE A 147 -10.45 -6.11 3.52
N PHE A 148 -9.42 -6.71 4.12
CA PHE A 148 -8.25 -7.13 3.32
C PHE A 148 -8.58 -8.48 2.69
N PRO A 149 -8.37 -8.55 1.40
CA PRO A 149 -8.64 -9.82 0.66
C PRO A 149 -7.79 -10.93 1.26
N GLU A 150 -8.21 -12.16 1.05
CA GLU A 150 -7.58 -13.37 1.55
C GLU A 150 -6.23 -13.63 0.95
N ILE A 151 -5.17 -13.78 1.76
CA ILE A 151 -3.87 -14.06 1.04
C ILE A 151 -3.75 -15.57 0.95
N ASP A 152 -3.35 -16.05 -0.18
CA ASP A 152 -3.08 -17.44 -0.48
C ASP A 152 -1.76 -17.84 0.19
N TYR A 153 -1.87 -18.55 1.30
CA TYR A 153 -0.79 -19.02 2.07
C TYR A 153 0.15 -19.99 1.35
N LYS A 154 -0.27 -20.51 0.22
CA LYS A 154 0.62 -21.35 -0.58
C LYS A 154 1.58 -20.51 -1.41
N ASP A 155 1.21 -19.31 -1.79
CA ASP A 155 2.06 -18.49 -2.67
C ASP A 155 2.90 -17.48 -1.90
N PHE A 156 2.16 -16.82 -1.00
CA PHE A 156 2.69 -15.78 -0.13
C PHE A 156 3.30 -16.43 1.10
N LYS A 157 4.60 -16.62 1.06
CA LYS A 157 5.28 -17.27 2.23
C LYS A 157 5.73 -16.15 3.16
N LEU A 158 5.48 -16.38 4.41
CA LEU A 158 5.78 -15.34 5.42
C LEU A 158 7.27 -15.42 5.67
N LEU A 159 7.96 -14.31 5.58
CA LEU A 159 9.38 -14.31 5.96
C LEU A 159 9.47 -14.24 7.48
N THR A 160 10.47 -14.91 7.97
CA THR A 160 10.78 -14.94 9.42
C THR A 160 11.62 -13.71 9.73
N GLU A 161 12.34 -13.19 8.75
CA GLU A 161 13.11 -11.98 8.99
C GLU A 161 13.35 -11.16 7.74
N TYR A 162 13.35 -9.85 7.93
CA TYR A 162 13.53 -8.92 6.79
C TYR A 162 14.17 -7.67 7.39
N PRO A 163 15.03 -7.10 6.60
CA PRO A 163 15.78 -5.91 6.98
C PRO A 163 15.03 -4.61 7.14
N GLY A 164 15.13 -4.11 8.38
CA GLY A 164 14.58 -2.79 8.72
C GLY A 164 13.17 -2.91 9.23
N VAL A 165 12.75 -4.14 9.50
CA VAL A 165 11.46 -4.48 10.04
C VAL A 165 11.67 -5.12 11.41
N PRO A 166 11.20 -4.41 12.41
CA PRO A 166 11.29 -4.92 13.80
C PRO A 166 10.70 -6.33 13.83
N ALA A 167 11.32 -7.23 14.57
CA ALA A 167 10.76 -8.61 14.70
C ALA A 167 9.78 -8.74 15.84
N ASP A 168 10.02 -7.98 16.91
CA ASP A 168 9.16 -8.08 18.09
C ASP A 168 7.83 -7.37 17.88
N ILE A 169 6.88 -7.81 18.66
CA ILE A 169 5.55 -7.20 18.80
C ILE A 169 5.81 -5.75 19.31
N GLN A 170 5.04 -4.83 18.82
CA GLN A 170 5.14 -3.39 19.06
C GLN A 170 3.91 -2.96 19.84
N GLU A 171 4.06 -1.86 20.56
CA GLU A 171 2.98 -1.29 21.35
C GLU A 171 3.02 0.24 21.23
N GLU A 172 1.85 0.80 21.22
CA GLU A 172 1.68 2.26 21.15
C GLU A 172 0.25 2.52 21.49
N ASP A 173 0.04 3.60 22.24
CA ASP A 173 -1.32 3.96 22.67
C ASP A 173 -2.05 2.73 23.24
N GLY A 174 -1.35 1.91 23.96
CA GLY A 174 -1.95 0.74 24.61
C GLY A 174 -2.36 -0.37 23.67
N ILE A 175 -2.02 -0.30 22.43
CA ILE A 175 -2.30 -1.25 21.36
C ILE A 175 -1.03 -1.98 20.97
N GLN A 176 -1.12 -3.27 20.73
CA GLN A 176 0.01 -4.05 20.24
C GLN A 176 -0.23 -4.45 18.79
N TYR A 177 0.90 -4.55 18.11
CA TYR A 177 0.90 -4.94 16.70
C TYR A 177 2.26 -5.49 16.34
N LYS A 178 2.29 -6.20 15.23
CA LYS A 178 3.50 -6.74 14.67
C LYS A 178 3.53 -6.57 13.16
N PHE A 179 4.75 -6.43 12.70
CA PHE A 179 5.06 -6.29 11.28
C PHE A 179 5.36 -7.67 10.71
N GLU A 180 4.86 -7.94 9.52
CA GLU A 180 5.12 -9.25 8.86
C GLU A 180 5.37 -8.97 7.39
N VAL A 181 6.24 -9.77 6.83
CA VAL A 181 6.57 -9.67 5.41
C VAL A 181 6.19 -11.00 4.76
N TYR A 182 5.38 -10.88 3.71
CA TYR A 182 4.97 -12.05 2.94
C TYR A 182 5.59 -11.84 1.53
N GLN A 183 6.02 -13.01 1.02
CA GLN A 183 6.75 -12.99 -0.23
C GLN A 183 6.27 -14.04 -1.24
N LYS A 184 5.97 -13.54 -2.41
CA LYS A 184 5.53 -14.38 -3.53
C LYS A 184 6.66 -14.36 -4.56
N SER A 185 7.03 -15.56 -4.94
CA SER A 185 8.14 -15.72 -5.91
C SER A 185 7.60 -16.50 -7.08
N VAL A 186 7.69 -15.88 -8.23
CA VAL A 186 7.27 -16.50 -9.48
C VAL A 186 8.55 -16.78 -10.31
CA CA B . -18.16 3.42 -8.58
PA NAP C . -10.74 2.01 -2.87
O1A NAP C . -10.12 0.75 -3.43
O2A NAP C . -9.70 2.83 -2.12
O5B NAP C . -11.53 2.91 -3.95
C5B NAP C . -12.43 2.23 -4.83
C4B NAP C . -12.60 2.80 -6.18
O4B NAP C . -11.63 2.97 -6.73
C3B NAP C . -13.50 1.81 -7.06
O3B NAP C . -14.87 2.39 -6.85
C2B NAP C . -13.01 2.42 -8.42
O2B NAP C . -13.47 3.76 -8.46
C1B NAP C . -11.55 2.51 -8.12
N9A NAP C . -10.86 1.20 -8.17
C8A NAP C . -10.65 0.40 -7.14
N7A NAP C . -10.00 -0.69 -7.49
C5A NAP C . -9.83 -0.51 -8.90
C6A NAP C . -9.19 -1.31 -10.06
N6A NAP C . -8.57 -2.53 -9.91
N1A NAP C . -9.25 -0.86 -11.31
C2A NAP C . -9.92 0.31 -11.39
N3A NAP C . -10.49 1.11 -10.50
C4A NAP C . -10.41 0.62 -9.25
O3 NAP C . -11.80 1.72 -1.79
PN NAP C . -12.05 0.83 -0.49
O1N NAP C . -11.69 -0.56 -0.64
O2N NAP C . -13.39 1.07 -0.01
O5D NAP C . -10.95 1.40 0.55
C5D NAP C . -10.99 2.76 1.10
C4D NAP C . -11.08 2.54 2.59
O4D NAP C . -10.11 1.60 3.04
C3D NAP C . -10.98 3.78 3.55
O3D NAP C . -11.68 3.39 4.80
C2D NAP C . -9.45 3.72 3.86
O2D NAP C . -9.34 4.42 5.12
C1D NAP C . -9.27 2.24 4.08
N1N NAP C . -7.77 1.89 3.88
C2N NAP C . -6.97 1.25 4.82
C3N NAP C . -5.70 0.88 4.49
C7N NAP C . -4.92 0.23 5.53
O7N NAP C . -3.74 -0.07 5.26
N7N NAP C . -5.46 -0.01 6.72
C4N NAP C . -5.07 1.12 3.10
C5N NAP C . -6.10 1.79 2.19
C6N NAP C . -7.31 2.10 2.58
P2B NAP C . -14.60 4.20 -9.44
O1X NAP C . -15.91 4.00 -8.71
O2X NAP C . -14.39 3.37 -10.68
O3X NAP C . -14.39 5.67 -9.84
N1 HBI D . -0.27 0.97 5.33
N2 HBI D . 0.90 0.06 7.16
C2 HBI D . 0.03 0.99 6.70
N3 HBI D . -0.62 1.86 7.55
C4 HBI D . -1.52 2.83 7.17
O4 HBI D . -2.06 3.69 7.99
C4A HBI D . -1.85 2.73 5.80
C8A HBI D . -1.25 1.83 4.93
N8 HBI D . -1.51 1.75 3.61
C7 HBI D . -2.36 2.64 3.19
C6 HBI D . -2.99 3.61 3.94
N5 HBI D . -2.71 3.63 5.29
C9 HBI D . -4.03 4.61 3.47
O9 HBI D . -5.20 4.48 4.23
C10 HBI D . -3.67 6.06 3.28
O10 HBI D . -3.14 6.58 4.56
C11 HBI D . -2.64 6.09 2.20
HG MBO E . -10.86 -5.78 13.94
HG MBO E . -10.89 -5.36 12.82
CE1 MBO E . -12.07 -7.16 14.87
CE2 MBO E . -11.54 -8.22 15.59
CE3 MBO E . -12.35 -9.16 16.21
CE4 MBO E . -13.74 -9.04 16.09
CE5 MBO E . -14.29 -7.97 15.36
CE6 MBO E . -13.46 -7.04 14.76
CZ MBO E . -14.78 -9.98 16.65
OZ1 MBO E . -14.30 -11.01 17.44
OZ2 MBO E . -16.02 -9.84 16.51
#